data_8BPT
#
_entry.id   8BPT
#
_cell.length_a   33.370
_cell.length_b   75.356
_cell.length_c   105.798
_cell.angle_alpha   90.000
_cell.angle_beta   90.000
_cell.angle_gamma   90.000
#
_symmetry.space_group_name_H-M   'P 21 21 21'
#
loop_
_entity.id
_entity.type
_entity.pdbx_description
1 polymer 'Bromo domain-containing protein'
2 water water
#
_entity_poly.entity_id   1
_entity_poly.type   'polypeptide(L)'
_entity_poly.pdbx_seq_one_letter_code
;AAAPPSTREMVQLVDSLNRREDGGAFSVDVAEAYPDLRDSYRKICPRPMNLILMRQRAKEGYYTSGSATVYGDTVAASLT
RLREDIELLVRNCITFNVKVESWVTLARSFQAFAHRRVDDFVLRHAAFLRGTTMGAEVYE
;
_entity_poly.pdbx_strand_id   A,B
#
# COMPACT_ATOMS: atom_id res chain seq x y z
N ALA A 2 -23.77 -12.87 30.47
CA ALA A 2 -24.43 -12.65 29.17
C ALA A 2 -24.20 -13.85 28.24
N ALA A 3 -25.11 -14.03 27.27
CA ALA A 3 -24.96 -15.05 26.27
C ALA A 3 -23.76 -14.74 25.37
N PRO A 4 -22.99 -15.77 24.93
CA PRO A 4 -21.89 -15.56 23.99
C PRO A 4 -22.46 -15.04 22.67
N PRO A 5 -21.67 -14.27 21.89
CA PRO A 5 -22.12 -13.87 20.56
C PRO A 5 -22.24 -15.13 19.73
N SER A 6 -23.13 -15.12 18.73
CA SER A 6 -23.22 -16.17 17.73
C SER A 6 -22.03 -16.10 16.78
N THR A 7 -21.77 -17.19 16.05
CA THR A 7 -20.74 -17.18 15.03
C THR A 7 -21.11 -16.17 13.95
N ARG A 8 -22.40 -16.03 13.62
CA ARG A 8 -22.82 -15.06 12.60
C ARG A 8 -22.45 -13.66 13.06
N GLU A 9 -22.68 -13.35 14.34
CA GLU A 9 -22.31 -12.06 14.90
C GLU A 9 -20.80 -11.83 14.84
N MET A 10 -20.00 -12.88 15.08
CA MET A 10 -18.56 -12.76 15.02
C MET A 10 -18.11 -12.49 13.59
N VAL A 11 -18.76 -13.17 12.63
CA VAL A 11 -18.44 -12.95 11.22
C VAL A 11 -18.75 -11.51 10.85
N GLN A 12 -19.92 -11.03 11.26
CA GLN A 12 -20.28 -9.64 11.01
C GLN A 12 -19.20 -8.71 11.59
N LEU A 13 -18.73 -9.01 12.81
CA LEU A 13 -17.71 -8.18 13.46
C LEU A 13 -16.44 -8.17 12.62
N VAL A 14 -15.93 -9.35 12.24
CA VAL A 14 -14.72 -9.40 11.43
C VAL A 14 -14.94 -8.68 10.10
N ASP A 15 -16.11 -8.89 9.46
CA ASP A 15 -16.45 -8.21 8.23
C ASP A 15 -16.34 -6.70 8.42
N SER A 16 -16.72 -6.20 9.63
CA SER A 16 -16.72 -4.77 9.91
C SER A 16 -15.30 -4.23 10.03
N LEU A 17 -14.29 -5.11 10.16
CA LEU A 17 -12.90 -4.68 10.25
C LEU A 17 -12.31 -4.42 8.87
N ASN A 18 -13.03 -4.76 7.77
CA ASN A 18 -12.56 -4.49 6.42
C ASN A 18 -12.96 -3.07 6.03
N ARG A 19 -11.99 -2.14 5.98
CA ARG A 19 -12.26 -0.74 5.71
C ARG A 19 -11.81 -0.40 4.30
N ARG A 20 -12.69 0.26 3.56
CA ARG A 20 -12.35 0.64 2.20
C ARG A 20 -11.08 1.51 2.20
N GLU A 21 -10.79 2.21 3.30
CA GLU A 21 -9.65 3.11 3.29
C GLU A 21 -8.35 2.31 3.27
N ASP A 22 -8.38 1.05 3.69
CA ASP A 22 -7.20 0.23 3.91
C ASP A 22 -6.76 -0.41 2.60
N GLY A 23 -7.66 -0.39 1.61
CA GLY A 23 -7.35 -0.83 0.26
C GLY A 23 -6.97 -2.30 0.18
N GLY A 24 -7.49 -3.11 1.12
CA GLY A 24 -7.26 -4.55 1.13
C GLY A 24 -5.93 -4.94 1.77
N ALA A 25 -5.28 -3.99 2.46
CA ALA A 25 -3.96 -4.21 3.04
C ALA A 25 -3.95 -5.39 4.02
N PHE A 26 -5.04 -5.56 4.77
CA PHE A 26 -5.05 -6.52 5.85
C PHE A 26 -5.76 -7.80 5.44
N SER A 27 -6.15 -7.88 4.16
CA SER A 27 -6.95 -8.98 3.67
C SER A 27 -6.08 -9.91 2.83
N VAL A 28 -4.92 -9.40 2.38
CA VAL A 28 -4.07 -10.14 1.46
C VAL A 28 -3.23 -11.14 2.23
N ASP A 29 -3.20 -12.38 1.75
CA ASP A 29 -2.30 -13.39 2.28
C ASP A 29 -0.93 -13.18 1.65
N VAL A 30 0.01 -12.65 2.43
CA VAL A 30 1.29 -12.18 1.91
C VAL A 30 2.08 -13.36 1.31
N ALA A 31 2.05 -14.50 1.99
CA ALA A 31 2.79 -15.67 1.55
C ALA A 31 2.29 -16.16 0.19
N GLU A 32 0.96 -16.15 -0.02
CA GLU A 32 0.38 -16.54 -1.29
C GLU A 32 0.61 -15.51 -2.40
N ALA A 33 0.61 -14.22 -2.05
CA ALA A 33 0.62 -13.18 -3.07
C ALA A 33 2.03 -12.84 -3.54
N TYR A 34 3.03 -13.21 -2.73
CA TYR A 34 4.44 -12.88 -2.98
C TYR A 34 5.30 -14.11 -2.71
N PRO A 35 5.10 -15.18 -3.51
CA PRO A 35 5.83 -16.43 -3.33
C PRO A 35 7.35 -16.23 -3.27
N ASP A 36 7.89 -15.29 -4.06
CA ASP A 36 9.34 -15.13 -4.12
C ASP A 36 9.89 -14.42 -2.88
N LEU A 37 9.01 -13.87 -2.02
CA LEU A 37 9.44 -13.15 -0.82
C LEU A 37 9.01 -13.87 0.45
N ARG A 38 8.32 -15.01 0.28
CA ARG A 38 7.70 -15.69 1.40
C ARG A 38 8.76 -16.04 2.46
N ASP A 39 9.95 -16.51 2.03
CA ASP A 39 10.96 -16.96 2.98
C ASP A 39 11.46 -15.77 3.79
N SER A 40 11.73 -14.66 3.10
CA SER A 40 12.16 -13.43 3.72
C SER A 40 11.08 -12.89 4.65
N TYR A 41 9.81 -12.94 4.19
CA TYR A 41 8.71 -12.46 5.02
C TYR A 41 8.58 -13.31 6.28
N ARG A 42 8.63 -14.65 6.13
CA ARG A 42 8.36 -15.57 7.23
C ARG A 42 9.49 -15.54 8.26
N LYS A 43 10.69 -15.12 7.83
CA LYS A 43 11.82 -14.86 8.71
C LYS A 43 11.45 -13.80 9.76
N ILE A 44 10.76 -12.74 9.29
CA ILE A 44 10.43 -11.57 10.11
C ILE A 44 9.05 -11.76 10.77
N CYS A 45 8.17 -12.49 10.07
CA CYS A 45 6.79 -12.71 10.49
C CYS A 45 6.47 -14.20 10.43
N PRO A 46 6.95 -15.00 11.40
CA PRO A 46 6.81 -16.46 11.33
C PRO A 46 5.38 -16.97 11.41
N ARG A 47 4.47 -16.11 11.88
CA ARG A 47 3.09 -16.50 12.07
C ARG A 47 2.20 -15.71 11.10
N PRO A 48 1.41 -16.38 10.25
CA PRO A 48 0.48 -15.70 9.34
C PRO A 48 -0.73 -15.08 10.04
N MET A 49 -1.19 -13.93 9.51
CA MET A 49 -2.44 -13.38 9.98
C MET A 49 -2.95 -12.37 8.94
N ASN A 50 -4.25 -12.47 8.65
CA ASN A 50 -4.94 -11.54 7.76
C ASN A 50 -6.42 -11.73 8.03
N LEU A 51 -7.26 -10.86 7.45
CA LEU A 51 -8.69 -10.85 7.75
C LEU A 51 -9.43 -12.02 7.11
N ILE A 52 -8.83 -12.69 6.11
CA ILE A 52 -9.41 -13.92 5.56
C ILE A 52 -9.36 -15.03 6.61
N LEU A 53 -8.18 -15.21 7.21
CA LEU A 53 -7.98 -16.20 8.26
C LEU A 53 -8.88 -15.86 9.45
N MET A 54 -9.00 -14.57 9.78
CA MET A 54 -9.83 -14.17 10.92
C MET A 54 -11.31 -14.46 10.64
N ARG A 55 -11.78 -14.27 9.39
CA ARG A 55 -13.19 -14.55 9.10
C ARG A 55 -13.45 -16.05 9.16
N GLN A 56 -12.47 -16.87 8.73
CA GLN A 56 -12.55 -18.33 8.84
C GLN A 56 -12.66 -18.74 10.30
N ARG A 57 -11.85 -18.12 11.17
CA ARG A 57 -11.90 -18.40 12.59
C ARG A 57 -13.26 -18.00 13.19
N ALA A 58 -13.80 -16.85 12.76
CA ALA A 58 -15.09 -16.38 13.25
C ALA A 58 -16.18 -17.38 12.87
N LYS A 59 -16.16 -17.80 11.60
CA LYS A 59 -17.16 -18.69 11.05
C LYS A 59 -17.16 -20.05 11.74
N GLU A 60 -15.97 -20.51 12.17
CA GLU A 60 -15.81 -21.83 12.74
C GLU A 60 -16.18 -21.89 14.22
N GLY A 61 -16.26 -20.73 14.87
CA GLY A 61 -16.48 -20.67 16.31
C GLY A 61 -15.18 -20.56 17.10
N TYR A 62 -14.04 -20.34 16.43
CA TYR A 62 -12.73 -20.35 17.09
C TYR A 62 -12.65 -19.26 18.15
N TYR A 63 -13.31 -18.12 17.93
CA TYR A 63 -13.22 -16.99 18.85
C TYR A 63 -14.22 -17.11 20.02
N THR A 64 -15.19 -18.03 19.90
CA THR A 64 -16.30 -18.07 20.83
C THR A 64 -16.56 -19.46 21.38
N SER A 65 -15.74 -20.47 21.06
CA SER A 65 -16.03 -21.84 21.44
C SER A 65 -14.85 -22.47 22.17
N GLY A 66 -15.15 -23.63 22.77
CA GLY A 66 -14.15 -24.41 23.47
C GLY A 66 -13.55 -23.61 24.61
N SER A 67 -12.22 -23.54 24.62
CA SER A 67 -11.49 -22.88 25.68
C SER A 67 -11.40 -21.38 25.44
N ALA A 68 -12.00 -20.84 24.36
CA ALA A 68 -11.84 -19.42 24.06
C ALA A 68 -12.39 -18.57 25.21
N THR A 69 -11.68 -17.48 25.57
CA THR A 69 -12.26 -16.51 26.49
C THR A 69 -13.23 -15.66 25.69
N VAL A 70 -14.49 -15.66 26.11
CA VAL A 70 -15.46 -14.80 25.48
C VAL A 70 -15.55 -13.51 26.32
N TYR A 71 -16.23 -13.58 27.46
CA TYR A 71 -16.25 -12.45 28.38
C TYR A 71 -15.23 -12.66 29.48
N GLY A 72 -14.29 -11.72 29.55
CA GLY A 72 -13.30 -11.66 30.64
C GLY A 72 -13.82 -10.79 31.78
N ASP A 73 -12.92 -10.41 32.70
CA ASP A 73 -13.33 -9.59 33.84
C ASP A 73 -13.38 -8.11 33.47
N THR A 74 -12.89 -7.80 32.26
CA THR A 74 -12.96 -6.47 31.68
C THR A 74 -13.27 -6.59 30.19
N VAL A 75 -13.65 -5.47 29.58
CA VAL A 75 -13.81 -5.44 28.13
C VAL A 75 -12.50 -5.82 27.43
N ALA A 76 -11.39 -5.20 27.86
CA ALA A 76 -10.07 -5.45 27.31
C ALA A 76 -9.70 -6.93 27.34
N ALA A 77 -10.14 -7.62 28.42
CA ALA A 77 -9.81 -9.02 28.64
C ALA A 77 -10.83 -9.96 28.02
N SER A 78 -11.70 -9.44 27.13
CA SER A 78 -12.71 -10.21 26.43
C SER A 78 -12.30 -10.46 24.97
N LEU A 79 -12.80 -11.58 24.43
CA LEU A 79 -12.52 -12.02 23.06
C LEU A 79 -11.00 -12.00 22.81
N THR A 80 -10.28 -12.66 23.73
CA THR A 80 -8.82 -12.62 23.74
C THR A 80 -8.24 -13.16 22.44
N ARG A 81 -8.80 -14.23 21.89
CA ARG A 81 -8.23 -14.81 20.68
C ARG A 81 -8.33 -13.82 19.51
N LEU A 82 -9.46 -13.12 19.40
CA LEU A 82 -9.58 -12.12 18.35
C LEU A 82 -8.64 -10.93 18.59
N ARG A 83 -8.48 -10.53 19.86
CA ARG A 83 -7.58 -9.42 20.17
C ARG A 83 -6.13 -9.80 19.85
N GLU A 84 -5.75 -11.06 20.13
CA GLU A 84 -4.42 -11.54 19.84
C GLU A 84 -4.18 -11.54 18.32
N ASP A 85 -5.20 -11.89 17.53
CA ASP A 85 -5.08 -11.93 16.07
C ASP A 85 -4.94 -10.51 15.51
N ILE A 86 -5.76 -9.60 16.02
CA ILE A 86 -5.63 -8.19 15.65
C ILE A 86 -4.20 -7.73 15.97
N GLU A 87 -3.70 -8.06 17.17
CA GLU A 87 -2.37 -7.63 17.59
C GLU A 87 -1.28 -8.24 16.71
N LEU A 88 -1.50 -9.48 16.23
CA LEU A 88 -0.48 -10.11 15.38
C LEU A 88 -0.49 -9.48 13.98
N LEU A 89 -1.69 -9.18 13.46
CA LEU A 89 -1.84 -8.53 12.19
C LEU A 89 -1.05 -7.20 12.20
N VAL A 90 -1.23 -6.42 13.27
CA VAL A 90 -0.56 -5.12 13.42
C VAL A 90 0.95 -5.28 13.61
N ARG A 91 1.35 -6.18 14.51
CA ARG A 91 2.76 -6.48 14.78
C ARG A 91 3.48 -6.88 13.50
N ASN A 92 2.87 -7.75 12.67
CA ASN A 92 3.53 -8.21 11.47
C ASN A 92 3.73 -7.05 10.51
N CYS A 93 2.66 -6.24 10.34
CA CYS A 93 2.69 -5.12 9.44
C CYS A 93 3.78 -4.12 9.84
N ILE A 94 3.85 -3.76 11.13
CA ILE A 94 4.77 -2.71 11.58
C ILE A 94 6.21 -3.24 11.58
N THR A 95 6.40 -4.53 11.88
CA THR A 95 7.74 -5.10 11.96
C THR A 95 8.37 -5.18 10.57
N PHE A 96 7.60 -5.69 9.60
CA PHE A 96 8.12 -5.94 8.25
C PHE A 96 8.26 -4.64 7.46
N ASN A 97 7.34 -3.72 7.70
CA ASN A 97 7.25 -2.46 6.96
C ASN A 97 7.77 -1.31 7.81
N VAL A 98 8.63 -1.63 8.78
CA VAL A 98 9.05 -0.65 9.76
C VAL A 98 9.62 0.63 9.14
N LYS A 99 10.26 0.56 7.96
CA LYS A 99 10.91 1.75 7.41
C LYS A 99 9.99 2.53 6.45
N VAL A 100 8.70 2.18 6.39
CA VAL A 100 7.78 2.81 5.47
C VAL A 100 6.64 3.42 6.29
N GLU A 101 6.63 4.75 6.40
CA GLU A 101 5.77 5.43 7.37
C GLU A 101 4.28 5.23 7.05
N SER A 102 3.93 5.24 5.76
CA SER A 102 2.55 5.02 5.32
C SER A 102 1.99 3.71 5.87
N TRP A 103 2.83 2.65 5.87
CA TRP A 103 2.42 1.33 6.36
C TRP A 103 2.22 1.34 7.87
N VAL A 104 3.18 1.95 8.60
CA VAL A 104 3.11 1.94 10.06
C VAL A 104 1.89 2.76 10.50
N THR A 105 1.75 3.98 9.98
CA THR A 105 0.60 4.81 10.27
C THR A 105 -0.71 4.06 10.02
N LEU A 106 -0.83 3.37 8.88
CA LEU A 106 -2.04 2.61 8.57
C LEU A 106 -2.28 1.54 9.63
N ALA A 107 -1.21 0.81 9.99
CA ALA A 107 -1.27 -0.28 10.95
C ALA A 107 -1.78 0.22 12.31
N ARG A 108 -1.24 1.35 12.77
CA ARG A 108 -1.65 1.92 14.05
C ARG A 108 -3.10 2.39 14.01
N SER A 109 -3.52 2.97 12.87
CA SER A 109 -4.88 3.42 12.68
C SER A 109 -5.85 2.23 12.74
N PHE A 110 -5.46 1.12 12.09
CA PHE A 110 -6.27 -0.08 12.08
C PHE A 110 -6.34 -0.64 13.50
N GLN A 111 -5.20 -0.64 14.20
CA GLN A 111 -5.14 -1.19 15.56
C GLN A 111 -6.19 -0.51 16.46
N ALA A 112 -6.15 0.83 16.51
CA ALA A 112 -7.05 1.62 17.33
C ALA A 112 -8.50 1.40 16.92
N PHE A 113 -8.76 1.42 15.60
CA PHE A 113 -10.08 1.21 15.04
C PHE A 113 -10.61 -0.17 15.42
N ALA A 114 -9.74 -1.20 15.30
CA ALA A 114 -10.19 -2.58 15.48
C ALA A 114 -10.53 -2.85 16.94
N HIS A 115 -9.68 -2.39 17.87
CA HIS A 115 -9.95 -2.57 19.29
C HIS A 115 -11.20 -1.80 19.74
N ARG A 116 -11.46 -0.60 19.19
CA ARG A 116 -12.68 0.12 19.48
C ARG A 116 -13.90 -0.64 18.99
N ARG A 117 -13.81 -1.24 17.79
CA ARG A 117 -14.91 -2.03 17.24
C ARG A 117 -15.19 -3.23 18.16
N VAL A 118 -14.13 -3.91 18.64
CA VAL A 118 -14.31 -5.07 19.49
C VAL A 118 -14.86 -4.61 20.83
N ASP A 119 -14.33 -3.49 21.36
CA ASP A 119 -14.83 -2.94 22.64
C ASP A 119 -16.35 -2.70 22.56
N ASP A 120 -16.80 -2.02 21.50
CA ASP A 120 -18.20 -1.68 21.32
C ASP A 120 -19.05 -2.95 21.24
N PHE A 121 -18.55 -3.95 20.49
CA PHE A 121 -19.25 -5.20 20.29
C PHE A 121 -19.42 -5.92 21.64
N VAL A 122 -18.34 -5.98 22.42
CA VAL A 122 -18.41 -6.60 23.74
C VAL A 122 -19.47 -5.90 24.59
N LEU A 123 -19.48 -4.55 24.61
CA LEU A 123 -20.40 -3.80 25.45
C LEU A 123 -21.83 -3.98 24.98
N ARG A 124 -22.04 -4.21 23.67
CA ARG A 124 -23.40 -4.43 23.19
C ARG A 124 -23.96 -5.76 23.70
N HIS A 125 -23.07 -6.74 23.87
CA HIS A 125 -23.45 -8.08 24.29
C HIS A 125 -23.38 -8.27 25.80
N ALA A 126 -22.52 -7.49 26.48
CA ALA A 126 -22.17 -7.76 27.87
C ALA A 126 -22.20 -6.50 28.71
N ALA A 127 -23.41 -6.06 29.08
CA ALA A 127 -23.60 -4.85 29.87
C ALA A 127 -22.93 -4.99 31.24
N PHE A 128 -22.77 -6.22 31.74
CA PHE A 128 -22.13 -6.41 33.03
C PHE A 128 -20.66 -5.98 33.03
N LEU A 129 -20.08 -5.70 31.86
CA LEU A 129 -18.69 -5.26 31.76
C LEU A 129 -18.57 -3.75 31.55
N ARG A 130 -19.69 -3.02 31.61
CA ARG A 130 -19.65 -1.57 31.47
C ARG A 130 -18.68 -0.94 32.46
N GLY A 131 -17.87 0.02 31.97
CA GLY A 131 -17.03 0.82 32.82
C GLY A 131 -15.70 0.18 33.20
N THR A 132 -15.45 -1.05 32.72
CA THR A 132 -14.18 -1.71 32.97
C THR A 132 -13.15 -1.29 31.93
N THR A 133 -11.91 -1.71 32.14
CA THR A 133 -10.82 -1.41 31.23
C THR A 133 -11.18 -1.78 29.80
N MET A 134 -10.96 -0.84 28.86
CA MET A 134 -11.26 -1.01 27.45
C MET A 134 -10.01 -1.47 26.68
N GLY A 135 -10.22 -2.28 25.64
CA GLY A 135 -9.09 -2.75 24.83
C GLY A 135 -8.35 -1.59 24.17
N ALA A 136 -9.11 -0.58 23.77
CA ALA A 136 -8.53 0.61 23.17
C ALA A 136 -7.53 1.29 24.11
N GLU A 137 -7.67 1.14 25.44
CA GLU A 137 -6.79 1.78 26.41
C GLU A 137 -5.54 0.92 26.63
N VAL A 138 -5.69 -0.41 26.63
CA VAL A 138 -4.61 -1.37 26.86
C VAL A 138 -3.71 -1.51 25.62
N TYR A 139 -4.31 -1.56 24.41
CA TYR A 139 -3.54 -1.87 23.20
C TYR A 139 -3.07 -0.57 22.58
N GLU A 140 -2.03 -0.62 21.74
CA GLU A 140 -1.31 0.56 21.25
C GLU A 140 -0.04 0.18 20.46
N ALA B 2 9.98 26.84 -27.63
CA ALA B 2 11.02 26.23 -28.50
C ALA B 2 12.22 25.83 -27.63
N ALA B 3 12.53 26.65 -26.64
CA ALA B 3 13.62 26.37 -25.71
C ALA B 3 13.29 25.10 -24.93
N PRO B 4 14.27 24.19 -24.70
CA PRO B 4 14.02 23.05 -23.86
C PRO B 4 13.73 23.55 -22.43
N PRO B 5 12.98 22.75 -21.66
CA PRO B 5 12.77 23.03 -20.23
C PRO B 5 14.13 23.06 -19.53
N SER B 6 14.22 23.89 -18.50
CA SER B 6 15.38 23.93 -17.62
C SER B 6 15.44 22.67 -16.77
N THR B 7 16.62 22.41 -16.21
CA THR B 7 16.80 21.29 -15.30
C THR B 7 15.85 21.47 -14.10
N ARG B 8 15.72 22.70 -13.59
CA ARG B 8 14.85 22.95 -12.43
C ARG B 8 13.41 22.61 -12.79
N GLU B 9 12.97 22.96 -14.00
CA GLU B 9 11.61 22.66 -14.43
C GLU B 9 11.37 21.16 -14.51
N MET B 10 12.38 20.42 -14.98
CA MET B 10 12.28 18.96 -15.06
C MET B 10 12.19 18.33 -13.67
N VAL B 11 13.01 18.82 -12.73
CA VAL B 11 12.94 18.32 -11.37
C VAL B 11 11.55 18.59 -10.77
N GLN B 12 11.02 19.80 -10.98
CA GLN B 12 9.68 20.14 -10.48
C GLN B 12 8.64 19.21 -11.11
N LEU B 13 8.78 18.88 -12.41
CA LEU B 13 7.82 17.98 -13.05
C LEU B 13 7.85 16.60 -12.40
N VAL B 14 9.05 16.04 -12.22
CA VAL B 14 9.17 14.73 -11.58
C VAL B 14 8.58 14.78 -10.16
N ASP B 15 8.87 15.86 -9.42
CA ASP B 15 8.37 15.94 -8.05
C ASP B 15 6.85 16.01 -8.05
N SER B 16 6.25 16.52 -9.13
CA SER B 16 4.80 16.65 -9.24
C SER B 16 4.11 15.30 -9.42
N LEU B 17 4.90 14.25 -9.67
CA LEU B 17 4.36 12.90 -9.84
C LEU B 17 4.11 12.20 -8.50
N ASN B 18 4.60 12.79 -7.41
CA ASN B 18 4.34 12.28 -6.06
C ASN B 18 2.94 12.71 -5.62
N ARG B 19 2.05 11.74 -5.45
CA ARG B 19 0.71 12.01 -4.95
C ARG B 19 0.62 11.57 -3.50
N ARG B 20 0.09 12.43 -2.62
CA ARG B 20 -0.03 12.15 -1.19
C ARG B 20 -0.76 10.82 -0.95
N GLU B 21 -1.82 10.59 -1.75
CA GLU B 21 -2.66 9.43 -1.56
C GLU B 21 -1.91 8.13 -1.89
N ASP B 22 -0.81 8.21 -2.66
CA ASP B 22 -0.08 7.02 -3.08
C ASP B 22 0.78 6.48 -1.94
N GLY B 23 0.98 7.26 -0.86
CA GLY B 23 1.67 6.83 0.35
C GLY B 23 3.13 6.41 0.12
N GLY B 24 3.78 7.02 -0.87
CA GLY B 24 5.14 6.64 -1.21
C GLY B 24 5.26 5.38 -2.06
N ALA B 25 4.13 4.90 -2.63
CA ALA B 25 4.17 3.68 -3.45
C ALA B 25 5.25 3.76 -4.54
N PHE B 26 5.39 4.93 -5.19
CA PHE B 26 6.25 5.07 -6.35
C PHE B 26 7.52 5.84 -6.02
N SER B 27 7.69 6.21 -4.73
CA SER B 27 8.88 6.97 -4.33
C SER B 27 9.85 6.11 -3.52
N VAL B 28 9.33 5.13 -2.77
CA VAL B 28 10.15 4.31 -1.89
C VAL B 28 11.17 3.55 -2.74
N ASP B 29 12.40 3.51 -2.24
CA ASP B 29 13.46 2.68 -2.78
C ASP B 29 13.36 1.33 -2.07
N VAL B 30 12.76 0.34 -2.78
CA VAL B 30 12.36 -0.95 -2.21
C VAL B 30 13.56 -1.65 -1.59
N ALA B 31 14.72 -1.46 -2.20
CA ALA B 31 15.95 -2.00 -1.61
C ALA B 31 16.27 -1.30 -0.29
N GLU B 32 16.15 0.03 -0.23
CA GLU B 32 16.55 0.79 0.95
C GLU B 32 15.61 0.61 2.13
N ALA B 33 14.30 0.54 1.85
CA ALA B 33 13.28 0.38 2.89
C ALA B 33 13.26 -1.05 3.40
N TYR B 34 13.74 -1.98 2.55
CA TYR B 34 13.72 -3.39 2.89
C TYR B 34 15.11 -3.93 2.63
N PRO B 35 16.13 -3.52 3.43
CA PRO B 35 17.53 -3.82 3.11
C PRO B 35 17.83 -5.30 2.91
N ASP B 36 17.14 -6.17 3.64
CA ASP B 36 17.38 -7.60 3.54
C ASP B 36 16.66 -8.21 2.33
N LEU B 37 15.84 -7.44 1.63
CA LEU B 37 15.23 -7.92 0.38
C LEU B 37 16.03 -7.42 -0.84
N ARG B 38 17.12 -6.63 -0.61
CA ARG B 38 17.90 -6.02 -1.68
C ARG B 38 18.17 -6.98 -2.83
N ASP B 39 18.81 -8.12 -2.54
CA ASP B 39 19.20 -9.05 -3.59
C ASP B 39 17.97 -9.68 -4.24
N SER B 40 16.98 -10.09 -3.43
CA SER B 40 15.73 -10.66 -3.96
C SER B 40 14.99 -9.71 -4.93
N TYR B 41 14.89 -8.43 -4.56
CA TYR B 41 14.22 -7.47 -5.41
C TYR B 41 14.96 -7.32 -6.74
N ARG B 42 16.28 -7.11 -6.66
CA ARG B 42 17.14 -6.95 -7.82
C ARG B 42 16.92 -8.12 -8.78
N LYS B 43 16.60 -9.31 -8.26
CA LYS B 43 16.39 -10.46 -9.13
C LYS B 43 15.06 -10.36 -9.92
N ILE B 44 14.00 -9.80 -9.32
CA ILE B 44 12.70 -9.69 -9.96
C ILE B 44 12.62 -8.43 -10.84
N CYS B 45 13.19 -7.36 -10.32
CA CYS B 45 13.21 -6.05 -10.96
C CYS B 45 14.68 -5.63 -11.05
N PRO B 46 15.46 -6.21 -11.99
CA PRO B 46 16.88 -5.88 -12.09
C PRO B 46 17.22 -4.45 -12.52
N ARG B 47 16.25 -3.71 -13.08
CA ARG B 47 16.47 -2.31 -13.43
C ARG B 47 15.48 -1.47 -12.61
N PRO B 48 15.86 -1.03 -11.40
CA PRO B 48 14.91 -0.36 -10.50
C PRO B 48 14.54 1.00 -11.07
N MET B 49 13.34 1.44 -10.73
CA MET B 49 12.95 2.80 -11.08
C MET B 49 11.91 3.27 -10.07
N ASN B 50 12.13 4.48 -9.56
CA ASN B 50 11.22 5.07 -8.62
C ASN B 50 11.38 6.59 -8.77
N LEU B 51 10.55 7.36 -8.08
CA LEU B 51 10.57 8.82 -8.25
C LEU B 51 11.80 9.49 -7.63
N ILE B 52 12.48 8.82 -6.70
CA ILE B 52 13.73 9.33 -6.17
C ILE B 52 14.83 9.22 -7.23
N LEU B 53 14.99 8.03 -7.84
CA LEU B 53 15.95 7.89 -8.93
C LEU B 53 15.60 8.84 -10.08
N MET B 54 14.30 9.00 -10.38
CA MET B 54 13.91 9.86 -11.50
C MET B 54 14.24 11.32 -11.20
N ARG B 55 14.08 11.74 -9.93
CA ARG B 55 14.43 13.11 -9.57
C ARG B 55 15.94 13.34 -9.75
N GLN B 56 16.75 12.35 -9.34
CA GLN B 56 18.19 12.42 -9.50
C GLN B 56 18.56 12.48 -11.00
N ARG B 57 17.91 11.67 -11.84
CA ARG B 57 18.17 11.73 -13.26
C ARG B 57 17.82 13.11 -13.84
N ALA B 58 16.72 13.69 -13.36
CA ALA B 58 16.33 15.03 -13.78
C ALA B 58 17.41 16.04 -13.41
N LYS B 59 17.93 15.99 -12.17
CA LYS B 59 18.97 16.90 -11.70
C LYS B 59 20.25 16.74 -12.54
N GLU B 60 20.45 15.56 -13.11
CA GLU B 60 21.65 15.31 -13.90
C GLU B 60 21.47 15.71 -15.36
N GLY B 61 20.27 16.21 -15.72
CA GLY B 61 20.01 16.71 -17.08
C GLY B 61 19.62 15.61 -18.07
N TYR B 62 19.36 14.42 -17.55
CA TYR B 62 19.16 13.25 -18.38
C TYR B 62 17.97 13.39 -19.30
N TYR B 63 16.91 14.09 -18.87
CA TYR B 63 15.66 14.10 -19.62
C TYR B 63 15.70 15.10 -20.77
N THR B 64 16.74 15.93 -20.88
CA THR B 64 16.75 16.94 -21.93
C THR B 64 18.10 17.09 -22.64
N SER B 65 19.15 16.41 -22.20
CA SER B 65 20.46 16.65 -22.78
C SER B 65 20.81 15.62 -23.84
N GLY B 66 21.90 15.92 -24.57
CA GLY B 66 22.46 15.07 -25.62
C GLY B 66 21.41 14.67 -26.65
N SER B 67 21.24 13.36 -26.83
CA SER B 67 20.44 12.80 -27.92
C SER B 67 18.95 12.79 -27.59
N ALA B 68 18.58 13.28 -26.39
CA ALA B 68 17.20 13.22 -25.89
C ALA B 68 16.27 13.92 -26.86
N THR B 69 15.09 13.34 -27.08
CA THR B 69 14.03 14.05 -27.77
C THR B 69 13.28 14.87 -26.72
N VAL B 70 13.31 16.19 -26.88
CA VAL B 70 12.56 17.06 -26.00
C VAL B 70 11.16 17.23 -26.62
N TYR B 71 11.03 18.04 -27.67
CA TYR B 71 9.73 18.19 -28.33
C TYR B 71 9.72 17.40 -29.63
N GLY B 72 8.82 16.43 -29.72
CA GLY B 72 8.61 15.63 -30.93
C GLY B 72 7.51 16.24 -31.80
N ASP B 73 6.99 15.43 -32.72
CA ASP B 73 5.96 15.83 -33.66
C ASP B 73 4.57 15.76 -33.01
N THR B 74 4.48 15.15 -31.83
CA THR B 74 3.25 15.04 -31.04
C THR B 74 3.61 15.17 -29.57
N VAL B 75 2.60 15.45 -28.74
CA VAL B 75 2.80 15.47 -27.30
C VAL B 75 3.34 14.12 -26.82
N ALA B 76 2.70 13.04 -27.27
CA ALA B 76 3.09 11.69 -26.87
C ALA B 76 4.54 11.37 -27.24
N ALA B 77 5.03 11.96 -28.33
CA ALA B 77 6.37 11.69 -28.83
C ALA B 77 7.42 12.62 -28.19
N SER B 78 6.99 13.43 -27.19
CA SER B 78 7.86 14.37 -26.51
C SER B 78 8.34 13.80 -25.16
N LEU B 79 9.52 14.25 -24.74
CA LEU B 79 10.15 13.86 -23.48
C LEU B 79 10.15 12.34 -23.34
N THR B 80 10.57 11.67 -24.41
CA THR B 80 10.57 10.22 -24.51
C THR B 80 11.37 9.56 -23.38
N ARG B 81 12.53 10.12 -23.00
CA ARG B 81 13.32 9.48 -21.94
C ARG B 81 12.59 9.46 -20.60
N LEU B 82 11.85 10.53 -20.29
CA LEU B 82 11.03 10.55 -19.09
C LEU B 82 9.89 9.53 -19.21
N ARG B 83 9.23 9.50 -20.36
CA ARG B 83 8.15 8.55 -20.55
C ARG B 83 8.64 7.10 -20.37
N GLU B 84 9.85 6.81 -20.88
CA GLU B 84 10.44 5.48 -20.74
C GLU B 84 10.63 5.12 -19.26
N ASP B 85 11.06 6.09 -18.45
CA ASP B 85 11.24 5.82 -17.02
C ASP B 85 9.89 5.60 -16.33
N ILE B 86 8.86 6.40 -16.67
CA ILE B 86 7.52 6.19 -16.14
C ILE B 86 7.09 4.76 -16.46
N GLU B 87 7.31 4.34 -17.72
CA GLU B 87 6.88 3.02 -18.13
C GLU B 87 7.62 1.94 -17.35
N LEU B 88 8.93 2.12 -17.10
CA LEU B 88 9.66 1.09 -16.36
C LEU B 88 9.17 1.03 -14.91
N LEU B 89 8.92 2.19 -14.30
CA LEU B 89 8.41 2.26 -12.95
C LEU B 89 7.11 1.46 -12.85
N VAL B 90 6.20 1.70 -13.80
CA VAL B 90 4.93 1.01 -13.85
C VAL B 90 5.11 -0.50 -14.06
N ARG B 91 5.92 -0.90 -15.05
CA ARG B 91 6.15 -2.31 -15.32
C ARG B 91 6.71 -2.99 -14.08
N ASN B 92 7.66 -2.35 -13.40
CA ASN B 92 8.28 -3.01 -12.24
C ASN B 92 7.24 -3.19 -11.11
N CYS B 93 6.41 -2.16 -10.88
CA CYS B 93 5.38 -2.28 -9.88
C CYS B 93 4.46 -3.46 -10.22
N ILE B 94 4.01 -3.52 -11.48
CA ILE B 94 3.08 -4.58 -11.87
C ILE B 94 3.75 -5.97 -11.80
N THR B 95 5.01 -6.05 -12.22
CA THR B 95 5.76 -7.29 -12.11
C THR B 95 5.81 -7.83 -10.67
N PHE B 96 6.23 -6.96 -9.75
CA PHE B 96 6.47 -7.37 -8.38
C PHE B 96 5.15 -7.72 -7.66
N ASN B 97 4.09 -6.98 -8.00
CA ASN B 97 2.81 -7.06 -7.32
C ASN B 97 1.77 -7.72 -8.22
N VAL B 98 2.22 -8.61 -9.12
CA VAL B 98 1.37 -9.12 -10.18
C VAL B 98 0.18 -9.91 -9.65
N LYS B 99 0.30 -10.52 -8.44
CA LYS B 99 -0.80 -11.30 -7.87
C LYS B 99 -1.71 -10.45 -7.00
N VAL B 100 -1.50 -9.13 -6.91
CA VAL B 100 -2.33 -8.27 -6.06
C VAL B 100 -3.03 -7.25 -6.93
N GLU B 101 -4.32 -7.51 -7.21
CA GLU B 101 -5.04 -6.70 -8.19
C GLU B 101 -5.06 -5.21 -7.77
N SER B 102 -5.14 -4.89 -6.48
CA SER B 102 -5.18 -3.49 -6.05
C SER B 102 -3.89 -2.73 -6.44
N TRP B 103 -2.74 -3.40 -6.30
CA TRP B 103 -1.47 -2.81 -6.71
C TRP B 103 -1.47 -2.52 -8.21
N VAL B 104 -1.96 -3.49 -8.98
CA VAL B 104 -1.92 -3.37 -10.43
C VAL B 104 -2.83 -2.23 -10.86
N THR B 105 -4.02 -2.14 -10.22
CA THR B 105 -4.94 -1.03 -10.47
C THR B 105 -4.27 0.33 -10.17
N LEU B 106 -3.57 0.42 -9.03
CA LEU B 106 -2.90 1.63 -8.64
C LEU B 106 -1.81 1.97 -9.65
N ALA B 107 -1.03 0.96 -10.09
CA ALA B 107 0.05 1.23 -11.04
C ALA B 107 -0.54 1.79 -12.34
N ARG B 108 -1.69 1.27 -12.78
CA ARG B 108 -2.27 1.69 -14.05
C ARG B 108 -2.87 3.09 -13.92
N SER B 109 -3.39 3.40 -12.74
CA SER B 109 -3.91 4.72 -12.41
C SER B 109 -2.77 5.73 -12.43
N PHE B 110 -1.65 5.37 -11.80
CA PHE B 110 -0.47 6.22 -11.80
C PHE B 110 0.06 6.43 -13.22
N GLN B 111 0.12 5.37 -14.02
CA GLN B 111 0.62 5.47 -15.39
C GLN B 111 -0.11 6.58 -16.15
N ALA B 112 -1.45 6.54 -16.08
CA ALA B 112 -2.25 7.53 -16.80
C ALA B 112 -2.02 8.94 -16.25
N PHE B 113 -2.06 9.07 -14.91
CA PHE B 113 -1.84 10.34 -14.25
C PHE B 113 -0.48 10.94 -14.63
N ALA B 114 0.57 10.11 -14.57
CA ALA B 114 1.90 10.59 -14.81
C ALA B 114 2.05 11.08 -16.25
N HIS B 115 1.60 10.25 -17.20
CA HIS B 115 1.69 10.66 -18.60
C HIS B 115 0.90 11.93 -18.86
N ARG B 116 -0.25 12.10 -18.20
CA ARG B 116 -1.06 13.29 -18.35
C ARG B 116 -0.35 14.52 -17.78
N ARG B 117 0.32 14.34 -16.63
CA ARG B 117 1.15 15.42 -16.11
C ARG B 117 2.22 15.84 -17.13
N VAL B 118 2.89 14.86 -17.75
CA VAL B 118 3.90 15.16 -18.73
C VAL B 118 3.25 15.85 -19.94
N ASP B 119 2.11 15.33 -20.37
CA ASP B 119 1.40 15.93 -21.49
C ASP B 119 1.11 17.41 -21.26
N ASP B 120 0.61 17.74 -20.06
CA ASP B 120 0.21 19.09 -19.73
C ASP B 120 1.44 19.99 -19.70
N PHE B 121 2.55 19.48 -19.14
CA PHE B 121 3.81 20.18 -19.11
C PHE B 121 4.30 20.50 -20.52
N VAL B 122 4.27 19.51 -21.43
CA VAL B 122 4.66 19.71 -22.83
C VAL B 122 3.82 20.81 -23.47
N LEU B 123 2.50 20.77 -23.26
CA LEU B 123 1.61 21.77 -23.85
C LEU B 123 1.83 23.18 -23.29
N ARG B 124 2.32 23.33 -22.05
CA ARG B 124 2.63 24.63 -21.49
C ARG B 124 3.91 25.18 -22.15
N HIS B 125 4.90 24.32 -22.41
CA HIS B 125 6.18 24.71 -22.98
C HIS B 125 6.16 24.76 -24.51
N ALA B 126 5.29 23.96 -25.15
CA ALA B 126 5.24 23.80 -26.59
C ALA B 126 3.79 23.80 -27.03
N ALA B 127 3.18 25.00 -27.02
CA ALA B 127 1.76 25.14 -27.28
C ALA B 127 1.44 24.74 -28.72
N PHE B 128 2.44 24.75 -29.61
CA PHE B 128 2.25 24.37 -31.01
C PHE B 128 1.81 22.91 -31.16
N LEU B 129 2.03 22.09 -30.12
CA LEU B 129 1.65 20.69 -30.18
C LEU B 129 0.19 20.43 -29.78
N ARG B 130 -0.58 21.48 -29.46
CA ARG B 130 -1.98 21.33 -29.11
C ARG B 130 -2.70 20.60 -30.25
N GLY B 131 -3.50 19.59 -29.89
CA GLY B 131 -4.29 18.85 -30.85
C GLY B 131 -3.61 17.58 -31.36
N THR B 132 -2.35 17.35 -30.96
CA THR B 132 -1.62 16.17 -31.37
C THR B 132 -1.83 15.08 -30.32
N THR B 133 -1.43 13.86 -30.67
CA THR B 133 -1.62 12.69 -29.82
C THR B 133 -1.02 12.93 -28.43
N MET B 134 -1.79 12.61 -27.38
CA MET B 134 -1.36 12.79 -26.00
C MET B 134 -0.80 11.46 -25.48
N GLY B 135 0.28 11.55 -24.71
CA GLY B 135 0.88 10.35 -24.15
C GLY B 135 -0.08 9.57 -23.25
N ALA B 136 -0.96 10.28 -22.53
CA ALA B 136 -1.86 9.60 -21.59
C ALA B 136 -2.80 8.66 -22.33
N GLU B 137 -3.12 8.98 -23.61
CA GLU B 137 -4.01 8.15 -24.38
C GLU B 137 -3.26 6.92 -24.90
N VAL B 138 -2.00 7.10 -25.27
CA VAL B 138 -1.28 6.04 -25.97
C VAL B 138 -0.46 5.13 -25.05
N TYR B 139 0.02 5.59 -23.92
CA TYR B 139 0.77 4.72 -23.02
C TYR B 139 -0.14 4.02 -22.02
N GLU B 140 -0.54 2.76 -22.34
CA GLU B 140 -1.54 2.03 -21.54
C GLU B 140 -0.99 0.71 -20.96
#